data_8W70
#
_entry.id   8W70
#
_cell.length_a   96.280
_cell.length_b   125.740
_cell.length_c   39.780
_cell.angle_alpha   90.000
_cell.angle_beta   90.000
_cell.angle_gamma   90.000
#
_symmetry.space_group_name_H-M   'P 21 21 2'
#
loop_
_entity.id
_entity.type
_entity.pdbx_description
1 polymer 'light chain'
2 polymer 'heavy chain'
3 water water
#
loop_
_entity_poly.entity_id
_entity_poly.type
_entity_poly.pdbx_seq_one_letter_code
_entity_poly.pdbx_strand_id
1 'polypeptide(L)'
;DIQLTQSPSTLSASVGDRVTITCRASESLDNYGIRFLTWFQQKPGKAPKLLMYAASNQGSGVPSRFSGSGSGTEFTLTIS
SLQPDDFATYYCQQTKEVPWSFGQGTKVEVKRTVAAPSVFIFPPSDEQLKSGTASVVCLLNNFYPREAKVQWKVDNALQS
GNSQESVTEQDSKDSTYSLSSTLTLSKADYEKHKVYACEVTHQGLSSPVTKSFNRGEC
;
A
2 'polypeptide(L)'
;EVQLVQSGAEVKKPGSSVKVSCKASGYTITDSNIHWVRQAPGQSLEWIGYIYPYNGGTDYNQKFKNRATLTVDNPTNTAY
MELSSLRSEDTAFYYCVNGNPWLAYWGQGTLVTVSSASTKGPSVFPLAPSSKSTSGGTAALGCLVKDYFPEPVTVSWNSG
ALTSGVHTFPAVLQSSGLYSLSSVVTVPSSSLGTQTYICNVNHKPSNTKVDKKVEPKSCDKT
;
B
#
# COMPACT_ATOMS: atom_id res chain seq x y z
N ASP A 1 24.13 2.79 16.67
CA ASP A 1 23.14 2.49 15.65
C ASP A 1 23.80 2.34 14.27
N ILE A 2 23.06 1.72 13.33
CA ILE A 2 23.59 1.25 12.06
C ILE A 2 22.49 1.39 11.00
N GLN A 3 22.84 1.96 9.83
CA GLN A 3 21.85 2.38 8.83
C GLN A 3 22.19 1.80 7.46
N LEU A 4 21.27 1.04 6.89
CA LEU A 4 21.45 0.45 5.56
C LEU A 4 20.70 1.24 4.50
N THR A 5 21.29 1.33 3.30
CA THR A 5 20.62 1.96 2.18
C THR A 5 20.73 1.10 0.93
N GLN A 6 19.59 0.79 0.31
CA GLN A 6 19.53 -0.02 -0.91
C GLN A 6 19.58 0.83 -2.17
N SER A 7 20.14 0.26 -3.23
CA SER A 7 20.15 0.87 -4.54
C SER A 7 19.97 -0.25 -5.56
N PRO A 8 19.15 -0.01 -6.59
CA PRO A 8 18.36 1.19 -6.78
C PRO A 8 17.09 1.09 -5.93
N SER A 9 16.23 2.12 -5.89
CA SER A 9 14.95 1.93 -5.22
C SER A 9 13.96 1.22 -6.13
N THR A 10 13.98 1.51 -7.40
CA THR A 10 13.13 0.84 -8.36
C THR A 10 13.97 0.24 -9.47
N LEU A 11 13.57 -0.93 -9.94
CA LEU A 11 14.30 -1.63 -10.98
C LEU A 11 13.31 -2.32 -11.90
N SER A 12 13.41 -2.06 -13.21
CA SER A 12 12.49 -2.60 -14.22
C SER A 12 13.21 -3.68 -15.02
N ALA A 13 12.73 -4.92 -14.91
CA ALA A 13 13.31 -6.05 -15.61
C ALA A 13 12.25 -6.91 -16.28
N SER A 14 12.69 -7.68 -17.28
CA SER A 14 11.86 -8.69 -17.92
C SER A 14 12.30 -10.09 -17.51
N VAL A 15 11.36 -11.05 -17.68
CA VAL A 15 11.63 -12.45 -17.38
C VAL A 15 12.90 -12.91 -18.10
N GLY A 16 13.81 -13.51 -17.36
CA GLY A 16 15.05 -14.02 -17.89
C GLY A 16 16.24 -13.11 -17.72
N ASP A 17 16.00 -11.86 -17.30
CA ASP A 17 17.08 -10.93 -17.03
C ASP A 17 17.87 -11.42 -15.81
N ARG A 18 19.12 -10.97 -15.71
CA ARG A 18 19.89 -11.06 -14.48
C ARG A 18 19.94 -9.68 -13.82
N VAL A 19 19.59 -9.65 -12.54
CA VAL A 19 19.28 -8.43 -11.83
C VAL A 19 20.07 -8.42 -10.53
N THR A 20 20.63 -7.25 -10.16
CA THR A 20 21.46 -7.12 -8.96
C THR A 20 21.02 -5.92 -8.11
N ILE A 21 20.63 -6.18 -6.85
CA ILE A 21 20.31 -5.15 -5.85
C ILE A 21 21.45 -5.04 -4.85
N THR A 22 21.74 -3.81 -4.40
CA THR A 22 22.92 -3.53 -3.58
C THR A 22 22.49 -3.01 -2.21
N CYS A 23 23.03 -3.60 -1.14
CA CYS A 23 22.80 -3.10 0.22
C CYS A 23 24.12 -2.55 0.78
N ARG A 24 24.14 -1.26 1.09
CA ARG A 24 25.31 -0.61 1.66
C ARG A 24 25.06 -0.25 3.12
N ALA A 25 26.08 -0.46 3.96
CA ALA A 25 25.94 -0.28 5.40
C ALA A 25 26.86 0.83 5.89
N SER A 26 26.45 1.46 7.01
CA SER A 26 27.22 2.54 7.62
C SER A 26 28.38 2.03 8.47
N GLU A 27 28.33 0.75 8.84
CA GLU A 27 29.38 0.08 9.59
C GLU A 27 29.63 -1.25 8.92
N SER A 28 30.70 -1.92 9.33
CA SER A 28 30.94 -3.28 8.87
C SER A 28 29.92 -4.20 9.52
N LEU A 29 29.36 -5.11 8.74
CA LEU A 29 28.39 -6.05 9.28
C LEU A 29 29.01 -7.42 9.62
N ASP A 30 30.32 -7.59 9.44
CA ASP A 30 30.99 -8.86 9.76
C ASP A 30 31.38 -8.94 11.23
N ASN A 31 31.15 -10.09 11.85
CA ASN A 31 31.72 -10.42 13.16
C ASN A 31 31.94 -11.92 13.29
N TYR A 32 33.13 -12.33 13.72
CA TYR A 32 33.42 -13.75 14.01
C TYR A 32 33.27 -14.60 12.75
N GLY A 33 33.65 -14.02 11.62
CA GLY A 33 33.53 -14.67 10.34
C GLY A 33 32.10 -14.81 9.87
N ILE A 34 31.18 -14.06 10.47
CA ILE A 34 29.78 -14.12 10.09
C ILE A 34 29.37 -12.79 9.47
N ARG A 35 28.81 -12.86 8.29
CA ARG A 35 28.16 -11.75 7.61
C ARG A 35 26.71 -11.66 8.04
N PHE A 36 26.33 -10.56 8.65
CA PHE A 36 25.25 -10.39 9.61
C PHE A 36 24.03 -9.77 8.94
N LEU A 37 23.93 -10.00 7.62
CA LEU A 37 22.99 -9.36 6.72
C LEU A 37 22.05 -10.40 6.13
N THR A 38 20.75 -10.03 6.03
CA THR A 38 19.66 -10.89 5.59
C THR A 38 18.87 -10.22 4.46
N TRP A 39 18.38 -11.01 3.51
CA TRP A 39 17.57 -10.50 2.41
C TRP A 39 16.14 -11.01 2.53
N PHE A 40 15.16 -10.11 2.35
CA PHE A 40 13.76 -10.51 2.35
C PHE A 40 13.09 -10.21 1.02
N GLN A 41 12.10 -11.03 0.69
CA GLN A 41 11.18 -10.77 -0.39
C GLN A 41 9.80 -10.48 0.19
N GLN A 42 9.18 -9.37 -0.25
CA GLN A 42 7.80 -9.02 0.12
C GLN A 42 6.95 -8.71 -1.11
N LYS A 43 5.76 -9.30 -1.16
CA LYS A 43 4.73 -9.02 -2.14
C LYS A 43 3.61 -8.20 -1.50
N PRO A 44 2.92 -7.37 -2.28
CA PRO A 44 1.86 -6.52 -1.70
C PRO A 44 0.88 -7.32 -0.88
N GLY A 45 0.71 -6.91 0.37
CA GLY A 45 -0.30 -7.49 1.24
C GLY A 45 0.07 -8.84 1.77
N LYS A 46 1.37 -9.17 1.84
CA LYS A 46 1.82 -10.37 2.50
C LYS A 46 2.96 -10.02 3.43
N ALA A 47 3.15 -10.89 4.43
CA ALA A 47 4.31 -10.79 5.30
C ALA A 47 5.58 -11.01 4.48
N PRO A 48 6.73 -10.47 4.93
CA PRO A 48 8.00 -10.82 4.26
C PRO A 48 8.32 -12.31 4.44
N LYS A 49 9.09 -12.83 3.48
CA LYS A 49 9.65 -14.19 3.49
C LYS A 49 11.17 -14.06 3.35
N LEU A 50 11.95 -14.81 4.15
CA LEU A 50 13.41 -14.66 4.08
C LEU A 50 13.90 -15.34 2.80
N LEU A 51 14.59 -14.59 1.92
CA LEU A 51 15.36 -15.24 0.85
C LEU A 51 16.75 -15.77 1.21
N MET A 52 17.59 -14.90 1.83
CA MET A 52 19.00 -15.15 2.08
C MET A 52 19.35 -14.92 3.55
N TYR A 53 20.24 -15.74 4.10
CA TYR A 53 20.79 -15.43 5.41
C TYR A 53 22.30 -15.55 5.41
N ALA A 54 22.92 -14.80 6.35
CA ALA A 54 24.39 -14.64 6.46
C ALA A 54 24.98 -14.23 5.11
N ALA A 55 24.29 -13.29 4.48
CA ALA A 55 24.60 -12.68 3.19
C ALA A 55 24.45 -13.65 2.01
N SER A 56 25.01 -14.86 2.13
CA SER A 56 25.09 -15.76 0.98
C SER A 56 24.31 -17.07 1.07
N ASN A 57 23.61 -17.36 2.17
CA ASN A 57 22.94 -18.67 2.31
C ASN A 57 21.46 -18.60 1.90
N GLN A 58 21.02 -19.57 1.10
CA GLN A 58 19.62 -19.65 0.70
C GLN A 58 18.74 -20.12 1.85
N GLY A 59 17.65 -19.38 2.10
CA GLY A 59 16.59 -19.87 2.96
C GLY A 59 15.84 -21.07 2.40
N SER A 60 15.12 -21.75 3.29
CA SER A 60 14.32 -22.93 2.95
C SER A 60 13.45 -22.65 1.73
N GLY A 61 13.51 -23.55 0.75
CA GLY A 61 12.72 -23.46 -0.45
C GLY A 61 13.00 -22.28 -1.34
N VAL A 62 14.12 -21.61 -1.15
CA VAL A 62 14.53 -20.49 -1.99
C VAL A 62 15.30 -21.06 -3.18
N PRO A 63 14.85 -20.87 -4.41
CA PRO A 63 15.53 -21.46 -5.57
C PRO A 63 16.93 -20.92 -5.77
N SER A 64 17.75 -21.72 -6.47
CA SER A 64 19.18 -21.43 -6.55
C SER A 64 19.49 -20.21 -7.41
N ARG A 65 18.53 -19.72 -8.20
CA ARG A 65 18.81 -18.55 -9.03
C ARG A 65 18.93 -17.28 -8.19
N PHE A 66 18.53 -17.33 -6.91
CA PHE A 66 18.84 -16.28 -5.92
C PHE A 66 20.19 -16.55 -5.25
N SER A 67 21.07 -15.56 -5.29
CA SER A 67 22.34 -15.66 -4.57
C SER A 67 22.78 -14.31 -4.02
N GLY A 68 23.66 -14.35 -3.01
CA GLY A 68 24.20 -13.14 -2.44
C GLY A 68 25.69 -13.17 -2.17
N SER A 69 26.34 -12.04 -2.39
CA SER A 69 27.76 -11.87 -2.23
C SER A 69 27.98 -10.66 -1.32
N GLY A 70 29.20 -10.56 -0.79
CA GLY A 70 29.64 -9.35 -0.13
C GLY A 70 30.30 -9.61 1.21
N SER A 71 30.86 -8.53 1.75
CA SER A 71 31.72 -8.55 2.94
C SER A 71 31.73 -7.16 3.55
N GLY A 72 31.77 -7.07 4.88
CA GLY A 72 31.95 -5.74 5.43
C GLY A 72 30.76 -4.83 5.17
N THR A 73 30.96 -3.75 4.42
CA THR A 73 30.01 -2.66 4.31
C THR A 73 29.13 -2.73 3.06
N GLU A 74 29.46 -3.55 2.05
CA GLU A 74 28.65 -3.61 0.82
C GLU A 74 28.24 -5.05 0.52
N PHE A 75 26.94 -5.24 0.29
CA PHE A 75 26.38 -6.54 -0.05
C PHE A 75 25.45 -6.42 -1.25
N THR A 76 25.33 -7.53 -1.98
CA THR A 76 24.50 -7.59 -3.18
C THR A 76 23.61 -8.83 -3.13
N LEU A 77 22.44 -8.71 -3.74
CA LEU A 77 21.59 -9.85 -4.11
C LEU A 77 21.45 -9.91 -5.62
N THR A 78 21.66 -11.11 -6.18
CA THR A 78 21.57 -11.35 -7.61
C THR A 78 20.49 -12.38 -7.91
N ILE A 79 19.59 -12.07 -8.84
CA ILE A 79 18.62 -13.03 -9.36
C ILE A 79 19.03 -13.38 -10.78
N SER A 80 19.37 -14.66 -11.02
CA SER A 80 19.99 -14.87 -12.33
C SER A 80 19.04 -15.05 -13.50
N SER A 81 17.99 -15.86 -13.40
CA SER A 81 16.96 -15.81 -14.42
C SER A 81 15.68 -15.32 -13.75
N LEU A 82 15.30 -14.06 -13.96
CA LEU A 82 14.06 -13.57 -13.37
C LEU A 82 12.88 -14.47 -13.75
N GLN A 83 12.17 -14.96 -12.75
CA GLN A 83 10.90 -15.61 -13.05
C GLN A 83 9.73 -14.70 -12.66
N PRO A 84 8.55 -14.89 -13.29
CA PRO A 84 7.39 -14.03 -13.00
C PRO A 84 7.13 -13.86 -11.52
N ASP A 85 7.36 -14.92 -10.76
CA ASP A 85 7.14 -14.94 -9.33
C ASP A 85 8.11 -14.02 -8.58
N ASP A 86 9.13 -13.48 -9.25
CA ASP A 86 10.20 -12.73 -8.58
C ASP A 86 9.95 -11.21 -8.58
N PHE A 87 8.97 -10.70 -9.31
CA PHE A 87 8.69 -9.27 -9.20
C PHE A 87 8.06 -8.99 -7.84
N ALA A 88 8.72 -8.15 -7.04
CA ALA A 88 8.60 -8.17 -5.59
C ALA A 88 9.26 -6.89 -5.10
N THR A 89 9.08 -6.59 -3.81
CA THR A 89 9.97 -5.66 -3.12
C THR A 89 10.93 -6.44 -2.24
N TYR A 90 12.22 -6.07 -2.29
CA TYR A 90 13.27 -6.77 -1.55
C TYR A 90 13.90 -5.88 -0.48
N TYR A 91 13.97 -6.39 0.75
CA TYR A 91 14.62 -5.68 1.84
C TYR A 91 15.91 -6.39 2.26
N CYS A 92 16.90 -5.60 2.63
CA CYS A 92 18.06 -6.06 3.37
C CYS A 92 17.92 -5.69 4.85
N GLN A 93 18.41 -6.57 5.71
CA GLN A 93 18.32 -6.35 7.15
C GLN A 93 19.65 -6.70 7.80
N GLN A 94 20.16 -5.82 8.66
CA GLN A 94 21.40 -6.12 9.35
C GLN A 94 21.07 -6.78 10.68
N THR A 95 21.88 -7.79 11.04
CA THR A 95 21.74 -8.55 12.28
C THR A 95 22.96 -8.46 13.19
N LYS A 96 23.83 -7.45 13.04
CA LYS A 96 24.99 -7.41 13.94
C LYS A 96 24.78 -6.59 15.24
N GLU A 97 24.06 -5.48 15.17
CA GLU A 97 24.02 -4.46 16.22
C GLU A 97 22.58 -4.00 16.42
N VAL A 98 22.16 -3.74 17.65
CA VAL A 98 20.80 -4.14 18.02
C VAL A 98 19.95 -2.95 18.44
N PRO A 99 19.66 -2.01 17.51
CA PRO A 99 18.46 -2.13 16.68
C PRO A 99 18.70 -3.15 15.55
N TRP A 100 17.85 -4.11 15.23
CA TRP A 100 18.11 -4.81 13.96
C TRP A 100 17.42 -3.97 12.89
N SER A 101 18.17 -3.13 12.16
CA SER A 101 17.56 -2.29 11.13
C SER A 101 17.42 -2.98 9.78
N PHE A 102 16.46 -2.52 9.00
CA PHE A 102 16.29 -2.84 7.59
C PHE A 102 16.66 -1.66 6.71
N GLY A 103 16.88 -1.96 5.42
CA GLY A 103 17.00 -0.94 4.41
C GLY A 103 15.62 -0.48 3.92
N GLN A 104 15.64 0.45 2.97
CA GLN A 104 14.38 1.06 2.57
C GLN A 104 13.60 0.18 1.58
N GLY A 105 14.27 -0.77 0.93
CA GLY A 105 13.50 -1.58 0.01
C GLY A 105 13.86 -1.26 -1.43
N THR A 106 13.75 -2.26 -2.27
CA THR A 106 13.93 -2.10 -3.71
C THR A 106 12.80 -2.85 -4.39
N LYS A 107 12.02 -2.11 -5.19
CA LYS A 107 10.88 -2.70 -5.90
C LYS A 107 11.37 -3.17 -7.26
N VAL A 108 11.13 -4.44 -7.55
CA VAL A 108 11.45 -5.03 -8.84
C VAL A 108 10.15 -5.19 -9.60
N GLU A 109 10.05 -4.53 -10.73
CA GLU A 109 8.78 -4.44 -11.42
C GLU A 109 9.00 -4.76 -12.89
N VAL A 110 7.90 -5.01 -13.57
CA VAL A 110 7.94 -5.57 -14.90
C VAL A 110 8.17 -4.45 -15.92
N LYS A 111 9.16 -4.63 -16.79
CA LYS A 111 9.38 -3.71 -17.87
C LYS A 111 8.43 -4.03 -19.04
N ARG A 112 7.88 -2.98 -19.66
CA ARG A 112 7.09 -3.12 -20.89
C ARG A 112 7.19 -1.81 -21.68
N THR A 113 6.60 -1.80 -22.88
CA THR A 113 6.62 -0.60 -23.71
C THR A 113 5.83 0.52 -23.05
N VAL A 114 6.23 1.76 -23.34
CA VAL A 114 5.51 2.93 -22.87
C VAL A 114 4.06 2.88 -23.31
N ALA A 115 3.16 3.21 -22.40
CA ALA A 115 1.74 3.33 -22.72
C ALA A 115 1.20 4.60 -22.09
N ALA A 116 0.73 5.51 -22.94
CA ALA A 116 0.06 6.73 -22.50
C ALA A 116 -1.19 6.39 -21.68
N PRO A 117 -1.50 7.16 -20.64
CA PRO A 117 -2.76 6.94 -19.92
C PRO A 117 -3.96 7.36 -20.75
N SER A 118 -5.12 6.79 -20.38
CA SER A 118 -6.44 7.35 -20.65
C SER A 118 -6.84 8.28 -19.53
N VAL A 119 -7.25 9.50 -19.84
CA VAL A 119 -7.57 10.47 -18.79
C VAL A 119 -9.06 10.80 -18.80
N PHE A 120 -9.68 10.73 -17.61
CA PHE A 120 -11.10 11.03 -17.40
C PHE A 120 -11.21 11.89 -16.15
N ILE A 121 -12.00 12.97 -16.23
CA ILE A 121 -12.31 13.84 -15.09
C ILE A 121 -13.77 13.61 -14.71
N PHE A 122 -14.05 13.60 -13.41
CA PHE A 122 -15.41 13.41 -12.92
C PHE A 122 -15.84 14.62 -12.08
N PRO A 123 -16.90 15.33 -12.45
CA PRO A 123 -17.42 16.38 -11.59
C PRO A 123 -18.16 15.80 -10.40
N PRO A 124 -18.30 16.55 -9.31
CA PRO A 124 -18.99 16.04 -8.12
C PRO A 124 -20.47 15.79 -8.38
N SER A 125 -20.93 14.66 -7.87
CA SER A 125 -22.34 14.32 -7.87
C SER A 125 -23.18 15.42 -7.24
N ASP A 126 -24.40 15.58 -7.75
CA ASP A 126 -25.38 16.48 -7.13
C ASP A 126 -25.57 16.11 -5.66
N GLU A 127 -25.80 14.82 -5.38
CA GLU A 127 -25.99 14.34 -4.02
C GLU A 127 -24.89 14.86 -3.09
N GLN A 128 -23.62 14.69 -3.48
CA GLN A 128 -22.55 15.12 -2.58
C GLN A 128 -22.61 16.63 -2.36
N LEU A 129 -22.85 17.40 -3.43
CA LEU A 129 -22.80 18.86 -3.33
C LEU A 129 -23.76 19.40 -2.29
N LYS A 130 -24.98 18.83 -2.20
CA LYS A 130 -25.96 19.31 -1.23
C LYS A 130 -25.47 19.08 0.19
N SER A 131 -24.60 18.10 0.37
CA SER A 131 -23.98 17.89 1.68
C SER A 131 -22.97 18.97 2.01
N GLY A 132 -22.41 19.63 1.00
CA GLY A 132 -21.58 20.80 1.20
C GLY A 132 -20.15 20.67 0.72
N THR A 133 -19.73 19.54 0.15
CA THR A 133 -18.36 19.36 -0.30
C THR A 133 -18.35 18.91 -1.75
N ALA A 134 -17.40 19.43 -2.52
CA ALA A 134 -17.15 18.93 -3.87
C ALA A 134 -15.83 18.13 -3.89
N SER A 135 -15.90 16.87 -4.31
CA SER A 135 -14.74 16.08 -4.75
C SER A 135 -14.74 16.00 -6.28
N VAL A 136 -13.70 16.53 -6.91
CA VAL A 136 -13.48 16.33 -8.33
C VAL A 136 -12.45 15.21 -8.49
N VAL A 137 -12.73 14.24 -9.37
CA VAL A 137 -11.90 13.05 -9.44
C VAL A 137 -11.28 12.97 -10.82
N CYS A 138 -9.97 12.72 -10.85
CA CYS A 138 -9.25 12.57 -12.10
C CYS A 138 -8.65 11.16 -12.20
N LEU A 139 -8.95 10.47 -13.31
CA LEU A 139 -8.51 9.09 -13.51
C LEU A 139 -7.49 8.97 -14.65
N LEU A 140 -6.33 8.35 -14.34
CA LEU A 140 -5.30 7.96 -15.31
C LEU A 140 -5.33 6.45 -15.42
N ASN A 141 -5.75 5.93 -16.58
CA ASN A 141 -6.04 4.51 -16.71
C ASN A 141 -4.94 3.73 -17.46
N ASN A 142 -4.42 2.67 -16.83
CA ASN A 142 -3.62 1.66 -17.53
C ASN A 142 -2.41 2.22 -18.30
N PHE A 143 -1.56 2.94 -17.60
CA PHE A 143 -0.38 3.52 -18.23
C PHE A 143 0.90 2.91 -17.66
N TYR A 144 1.99 3.01 -18.44
CA TYR A 144 3.34 2.62 -18.06
C TYR A 144 4.30 3.50 -18.82
N PRO A 145 5.40 3.93 -18.19
CA PRO A 145 5.83 3.57 -16.83
C PRO A 145 5.09 4.31 -15.75
N ARG A 146 5.47 3.96 -14.52
CA ARG A 146 4.77 4.38 -13.33
C ARG A 146 4.83 5.89 -13.13
N GLU A 147 5.89 6.56 -13.62
CA GLU A 147 6.09 7.96 -13.31
C GLU A 147 5.07 8.83 -14.04
N ALA A 148 4.30 9.61 -13.27
CA ALA A 148 3.24 10.45 -13.81
C ALA A 148 2.98 11.62 -12.86
N LYS A 149 2.64 12.78 -13.43
CA LYS A 149 2.24 13.93 -12.63
C LYS A 149 0.82 14.39 -12.98
N VAL A 150 -0.03 14.54 -11.96
CA VAL A 150 -1.34 15.15 -12.11
C VAL A 150 -1.30 16.57 -11.53
N GLN A 151 -1.67 17.55 -12.36
CA GLN A 151 -1.87 18.93 -11.93
C GLN A 151 -3.35 19.32 -12.03
N TRP A 152 -3.97 19.63 -10.88
CA TRP A 152 -5.26 20.29 -10.81
C TRP A 152 -5.14 21.78 -11.13
N LYS A 153 -6.06 22.29 -11.94
CA LYS A 153 -6.15 23.72 -12.27
C LYS A 153 -7.62 24.11 -12.18
N VAL A 154 -7.89 25.16 -11.41
CA VAL A 154 -9.21 25.77 -11.29
C VAL A 154 -9.10 27.17 -11.87
N ASP A 155 -9.90 27.45 -12.90
CA ASP A 155 -9.83 28.71 -13.68
C ASP A 155 -8.37 29.01 -14.04
N ASN A 156 -7.67 27.95 -14.43
CA ASN A 156 -6.29 27.94 -14.86
C ASN A 156 -5.34 28.43 -13.78
N ALA A 157 -5.75 28.31 -12.53
CA ALA A 157 -4.86 28.47 -11.39
C ALA A 157 -4.51 27.07 -10.87
N LEU A 158 -3.24 26.68 -10.94
CA LEU A 158 -2.90 25.33 -10.51
C LEU A 158 -2.98 25.22 -9.00
N GLN A 159 -3.58 24.13 -8.54
CA GLN A 159 -3.88 23.89 -7.14
C GLN A 159 -2.69 23.24 -6.42
N SER A 160 -2.58 23.53 -5.13
CA SER A 160 -1.61 22.87 -4.27
C SER A 160 -2.26 22.61 -2.94
N GLY A 161 -2.03 21.44 -2.39
CA GLY A 161 -2.39 21.14 -1.03
C GLY A 161 -3.83 20.73 -0.83
N ASN A 162 -4.64 20.64 -1.90
CA ASN A 162 -6.02 20.17 -1.80
C ASN A 162 -6.31 18.90 -2.61
N SER A 163 -5.29 18.20 -3.12
CA SER A 163 -5.54 16.93 -3.81
C SER A 163 -4.86 15.80 -3.04
N GLN A 164 -5.39 14.58 -3.18
CA GLN A 164 -4.70 13.35 -2.82
C GLN A 164 -4.81 12.33 -3.97
N GLU A 165 -3.75 11.54 -4.14
CA GLU A 165 -3.62 10.48 -5.14
C GLU A 165 -3.48 9.12 -4.47
N SER A 166 -3.86 8.06 -5.18
CA SER A 166 -3.35 6.72 -4.89
C SER A 166 -3.18 5.99 -6.22
N VAL A 167 -2.26 5.00 -6.27
CA VAL A 167 -1.98 4.22 -7.47
C VAL A 167 -2.21 2.74 -7.21
N THR A 168 -2.69 2.01 -8.25
CA THR A 168 -2.85 0.56 -8.17
C THR A 168 -1.49 -0.15 -8.33
N GLU A 169 -1.43 -1.39 -7.81
CA GLU A 169 -0.32 -2.31 -8.11
C GLU A 169 -0.23 -2.61 -9.59
N GLN A 170 1.00 -2.85 -10.08
CA GLN A 170 1.21 -3.24 -11.47
C GLN A 170 0.29 -4.39 -11.89
N ASP A 171 -0.40 -4.22 -13.02
CA ASP A 171 -1.47 -5.13 -13.36
C ASP A 171 -0.89 -6.46 -13.85
N SER A 172 -1.41 -7.56 -13.32
CA SER A 172 -0.77 -8.83 -13.58
C SER A 172 -0.88 -9.24 -15.06
N LYS A 173 -1.98 -8.84 -15.74
CA LYS A 173 -2.16 -9.16 -17.15
C LYS A 173 -1.37 -8.25 -18.10
N ASP A 174 -1.47 -6.92 -17.92
CA ASP A 174 -0.94 -5.99 -18.91
C ASP A 174 0.21 -5.11 -18.38
N SER A 175 0.59 -5.26 -17.11
CA SER A 175 1.82 -4.67 -16.56
C SER A 175 1.82 -3.15 -16.58
N THR A 176 0.64 -2.53 -16.54
CA THR A 176 0.42 -1.09 -16.47
C THR A 176 0.00 -0.71 -15.07
N TYR A 177 0.10 0.59 -14.77
CA TYR A 177 -0.43 1.19 -13.55
C TYR A 177 -1.64 2.04 -13.88
N SER A 178 -2.45 2.33 -12.86
CA SER A 178 -3.53 3.31 -12.94
C SER A 178 -3.50 4.22 -11.72
N LEU A 179 -4.00 5.44 -11.88
CA LEU A 179 -3.95 6.45 -10.82
C LEU A 179 -5.26 7.21 -10.67
N SER A 180 -5.72 7.33 -9.41
CA SER A 180 -6.90 8.12 -9.08
C SER A 180 -6.49 9.32 -8.22
N SER A 181 -6.91 10.52 -8.61
CA SER A 181 -6.60 11.74 -7.87
C SER A 181 -7.90 12.46 -7.53
N THR A 182 -7.97 13.05 -6.33
CA THR A 182 -9.20 13.69 -5.83
C THR A 182 -8.96 15.14 -5.38
N LEU A 183 -9.69 16.07 -5.99
CA LEU A 183 -9.59 17.49 -5.67
C LEU A 183 -10.80 17.88 -4.82
N THR A 184 -10.55 18.35 -3.59
CA THR A 184 -11.62 18.57 -2.62
C THR A 184 -11.79 20.06 -2.32
N LEU A 185 -12.93 20.60 -2.74
CA LEU A 185 -13.35 21.96 -2.46
C LEU A 185 -14.62 21.96 -1.63
N SER A 186 -14.82 23.06 -0.88
CA SER A 186 -16.14 23.35 -0.31
C SER A 186 -17.14 23.66 -1.43
N LYS A 187 -18.41 23.36 -1.16
CA LYS A 187 -19.51 23.80 -2.02
C LYS A 187 -19.34 25.27 -2.37
N ALA A 188 -19.08 26.10 -1.35
CA ALA A 188 -18.94 27.54 -1.50
C ALA A 188 -17.83 27.93 -2.49
N ASP A 189 -16.66 27.30 -2.38
CA ASP A 189 -15.54 27.65 -3.24
C ASP A 189 -15.72 27.09 -4.65
N TYR A 190 -16.28 25.88 -4.75
CA TYR A 190 -16.58 25.26 -6.03
C TYR A 190 -17.52 26.15 -6.86
N GLU A 191 -18.41 26.88 -6.21
CA GLU A 191 -19.41 27.61 -6.95
C GLU A 191 -18.86 28.93 -7.48
N LYS A 192 -17.72 29.40 -6.96
CA LYS A 192 -17.14 30.62 -7.47
C LYS A 192 -16.37 30.45 -8.79
N HIS A 193 -16.09 29.24 -9.27
CA HIS A 193 -15.21 29.11 -10.41
C HIS A 193 -15.84 28.31 -11.56
N LYS A 194 -15.50 28.70 -12.80
CA LYS A 194 -16.07 28.00 -13.94
C LYS A 194 -15.34 26.73 -14.43
N VAL A 195 -14.00 26.77 -14.55
CA VAL A 195 -13.22 25.73 -15.24
C VAL A 195 -12.54 24.79 -14.25
N TYR A 196 -12.84 23.48 -14.32
CA TYR A 196 -12.14 22.48 -13.52
C TYR A 196 -11.37 21.54 -14.44
N ALA A 197 -10.04 21.49 -14.28
CA ALA A 197 -9.15 20.90 -15.26
C ALA A 197 -8.18 19.93 -14.59
N CYS A 198 -7.96 18.80 -15.25
CA CYS A 198 -6.98 17.80 -14.81
C CYS A 198 -5.90 17.67 -15.87
N GLU A 199 -4.68 18.11 -15.58
CA GLU A 199 -3.58 18.09 -16.55
C GLU A 199 -2.59 16.99 -16.19
N VAL A 200 -2.23 16.16 -17.16
CA VAL A 200 -1.48 14.93 -16.93
C VAL A 200 -0.21 14.94 -17.77
N THR A 201 0.96 14.89 -17.13
CA THR A 201 2.24 14.80 -17.82
C THR A 201 2.77 13.36 -17.72
N HIS A 202 3.22 12.80 -18.85
CA HIS A 202 3.66 11.41 -18.88
C HIS A 202 4.56 11.17 -20.08
N GLN A 203 5.53 10.26 -19.91
CA GLN A 203 6.48 9.95 -20.96
C GLN A 203 5.79 9.51 -22.26
N GLY A 204 4.62 8.87 -22.14
CA GLY A 204 3.82 8.47 -23.28
C GLY A 204 3.16 9.62 -24.03
N LEU A 205 3.20 10.83 -23.49
CA LEU A 205 2.44 11.95 -24.02
C LEU A 205 3.40 13.00 -24.55
N SER A 206 3.34 13.23 -25.87
CA SER A 206 4.14 14.24 -26.55
C SER A 206 4.05 15.56 -25.81
N SER A 207 2.87 15.84 -25.26
CA SER A 207 2.60 17.05 -24.51
C SER A 207 1.50 16.71 -23.53
N PRO A 208 1.42 17.41 -22.40
CA PRO A 208 0.39 17.09 -21.39
C PRO A 208 -1.01 17.03 -21.99
N VAL A 209 -1.84 16.16 -21.43
CA VAL A 209 -3.26 16.04 -21.77
C VAL A 209 -4.09 16.68 -20.67
N THR A 210 -5.00 17.58 -21.06
CA THR A 210 -5.96 18.17 -20.12
C THR A 210 -7.35 17.57 -20.32
N LYS A 211 -7.99 17.14 -19.23
CA LYS A 211 -9.42 16.91 -19.21
C LYS A 211 -10.06 17.90 -18.25
N SER A 212 -11.09 18.58 -18.72
CA SER A 212 -11.76 19.62 -17.93
C SER A 212 -13.27 19.57 -18.16
N PHE A 213 -14.02 20.16 -17.25
CA PHE A 213 -15.43 20.49 -17.45
C PHE A 213 -15.67 21.92 -16.95
N ASN A 214 -16.79 22.48 -17.38
CA ASN A 214 -17.22 23.80 -16.96
C ASN A 214 -18.44 23.60 -16.07
N ARG A 215 -18.34 24.03 -14.81
CA ARG A 215 -19.42 23.84 -13.87
C ARG A 215 -20.65 24.61 -14.35
N GLY A 216 -21.82 23.97 -14.25
CA GLY A 216 -23.07 24.56 -14.68
C GLY A 216 -23.33 24.45 -16.16
N GLU A 217 -22.38 23.90 -16.92
CA GLU A 217 -22.64 23.40 -18.26
C GLU A 217 -22.62 21.87 -18.24
N CYS A 218 -22.74 21.30 -17.04
CA CYS A 218 -22.79 19.87 -16.84
C CYS A 218 -24.14 19.50 -16.25
N GLU B 1 5.76 -28.21 10.02
CA GLU B 1 6.18 -26.94 9.46
C GLU B 1 5.81 -25.75 10.37
N VAL B 2 6.78 -24.86 10.55
CA VAL B 2 6.71 -23.83 11.58
C VAL B 2 5.70 -22.75 11.19
N GLN B 3 4.81 -22.41 12.11
CA GLN B 3 3.75 -21.46 11.82
C GLN B 3 3.54 -20.58 13.04
N LEU B 4 3.35 -19.28 12.80
CA LEU B 4 3.06 -18.32 13.86
C LEU B 4 1.77 -17.59 13.53
N VAL B 5 0.70 -17.85 14.29
CA VAL B 5 -0.61 -17.28 14.06
C VAL B 5 -0.83 -16.12 15.03
N GLN B 6 -0.90 -14.90 14.50
CA GLN B 6 -1.17 -13.71 15.28
C GLN B 6 -2.68 -13.43 15.44
N SER B 7 -3.01 -12.58 16.42
CA SER B 7 -4.37 -12.12 16.69
C SER B 7 -4.87 -11.15 15.62
N GLY B 8 -6.20 -10.96 15.58
CA GLY B 8 -6.84 -10.13 14.56
C GLY B 8 -6.61 -8.63 14.74
N ALA B 9 -6.98 -7.91 13.68
CA ALA B 9 -6.79 -6.46 13.61
C ALA B 9 -7.41 -5.71 14.79
N GLU B 10 -6.75 -4.61 15.16
CA GLU B 10 -7.11 -3.79 16.31
C GLU B 10 -7.30 -2.33 15.88
N VAL B 11 -8.28 -1.66 16.49
CA VAL B 11 -8.55 -0.23 16.26
C VAL B 11 -8.57 0.44 17.64
N LYS B 12 -7.58 1.28 17.91
CA LYS B 12 -7.34 1.79 19.26
C LYS B 12 -7.18 3.32 19.26
N LYS B 13 -7.83 3.99 20.24
CA LYS B 13 -7.79 5.45 20.37
C LYS B 13 -6.44 5.88 20.98
N PRO B 14 -5.94 7.06 20.62
CA PRO B 14 -4.63 7.49 21.16
C PRO B 14 -4.61 7.50 22.68
N GLY B 15 -3.44 7.19 23.24
CA GLY B 15 -3.24 7.11 24.68
C GLY B 15 -3.61 5.78 25.27
N SER B 16 -4.34 4.95 24.54
CA SER B 16 -4.69 3.56 24.86
C SER B 16 -3.55 2.62 24.49
N SER B 17 -3.70 1.34 24.86
CA SER B 17 -2.66 0.36 24.58
C SER B 17 -3.28 -0.91 24.00
N VAL B 18 -2.41 -1.73 23.38
CA VAL B 18 -2.82 -2.91 22.64
C VAL B 18 -1.85 -4.05 22.94
N LYS B 19 -2.40 -5.27 22.93
CA LYS B 19 -1.69 -6.51 23.20
C LYS B 19 -1.95 -7.48 22.06
N VAL B 20 -0.91 -7.78 21.27
CA VAL B 20 -1.00 -8.69 20.12
C VAL B 20 -0.54 -10.08 20.55
N SER B 21 -1.36 -11.09 20.27
CA SER B 21 -0.94 -12.46 20.55
C SER B 21 -0.28 -13.08 19.34
N CYS B 22 0.68 -13.99 19.61
CA CYS B 22 1.39 -14.73 18.58
C CYS B 22 1.48 -16.20 19.02
N LYS B 23 0.83 -17.12 18.29
CA LYS B 23 0.76 -18.52 18.68
C LYS B 23 1.63 -19.38 17.78
N ALA B 24 2.55 -20.13 18.39
CA ALA B 24 3.50 -20.96 17.67
C ALA B 24 3.01 -22.40 17.54
N SER B 25 3.36 -23.02 16.42
CA SER B 25 3.18 -24.44 16.20
C SER B 25 4.45 -24.98 15.53
N GLY B 26 4.88 -26.18 15.92
CA GLY B 26 6.07 -26.77 15.34
C GLY B 26 7.29 -26.43 16.16
N SER B 32 13.90 -20.70 20.77
CA SER B 32 14.42 -19.79 19.78
C SER B 32 13.95 -18.40 20.13
N ASN B 33 14.43 -17.37 19.44
CA ASN B 33 14.00 -16.02 19.80
C ASN B 33 12.66 -15.67 19.13
N ILE B 34 11.85 -14.85 19.81
CA ILE B 34 10.66 -14.26 19.19
C ILE B 34 10.87 -12.74 19.03
N HIS B 35 11.05 -12.28 17.78
CA HIS B 35 11.18 -10.88 17.45
C HIS B 35 9.84 -10.23 17.11
N TRP B 36 9.74 -8.92 17.34
CA TRP B 36 8.60 -8.17 16.91
C TRP B 36 9.03 -7.05 15.97
N VAL B 37 8.47 -7.03 14.75
CA VAL B 37 8.80 -6.01 13.77
C VAL B 37 7.50 -5.33 13.37
N ARG B 38 7.58 -4.09 12.88
CA ARG B 38 6.40 -3.41 12.36
C ARG B 38 6.70 -2.73 11.03
N GLN B 39 5.63 -2.50 10.26
CA GLN B 39 5.70 -1.78 9.00
C GLN B 39 4.47 -0.90 8.84
N ALA B 40 4.67 0.42 8.72
CA ALA B 40 3.60 1.32 8.32
C ALA B 40 3.22 1.05 6.86
N PRO B 41 1.94 1.16 6.51
CA PRO B 41 1.54 0.89 5.11
C PRO B 41 2.40 1.64 4.10
N GLY B 42 2.97 0.88 3.15
CA GLY B 42 3.80 1.36 2.05
C GLY B 42 5.21 1.74 2.43
N GLN B 43 5.53 1.70 3.72
CA GLN B 43 6.84 1.95 4.32
C GLN B 43 7.66 0.66 4.46
N SER B 44 8.94 0.85 4.75
CA SER B 44 9.93 -0.16 5.10
C SER B 44 9.74 -0.58 6.56
N LEU B 45 10.48 -1.58 7.00
CA LEU B 45 10.20 -2.26 8.26
C LEU B 45 11.08 -1.72 9.39
N GLU B 46 10.61 -1.94 10.63
CA GLU B 46 11.19 -1.34 11.82
C GLU B 46 11.14 -2.36 12.96
N TRP B 47 12.29 -2.68 13.52
CA TRP B 47 12.42 -3.70 14.55
C TRP B 47 12.08 -3.11 15.93
N ILE B 48 11.19 -3.80 16.65
CA ILE B 48 10.75 -3.36 17.96
C ILE B 48 11.55 -4.02 19.07
N GLY B 49 11.72 -5.35 19.04
CA GLY B 49 12.43 -6.01 20.12
C GLY B 49 12.48 -7.51 19.93
N TYR B 50 13.14 -8.18 20.88
CA TYR B 50 13.15 -9.64 20.94
C TYR B 50 13.05 -10.12 22.37
N ILE B 51 12.69 -11.39 22.52
CA ILE B 51 12.62 -12.04 23.82
C ILE B 51 13.04 -13.49 23.64
N TYR B 52 13.87 -14.02 24.57
CA TYR B 52 14.27 -15.42 24.55
C TYR B 52 13.38 -16.17 25.54
N PRO B 53 12.40 -16.97 25.06
CA PRO B 53 11.38 -17.52 25.97
C PRO B 53 11.93 -18.32 27.11
N TYR B 54 13.18 -18.74 27.00
CA TYR B 54 13.64 -19.69 27.99
C TYR B 54 14.21 -19.02 29.24
N ASN B 55 14.69 -17.77 29.16
CA ASN B 55 14.98 -17.00 30.34
C ASN B 55 14.18 -15.70 30.53
N GLY B 56 13.25 -15.37 29.65
CA GLY B 56 12.57 -14.10 29.70
C GLY B 56 13.47 -12.91 29.44
N GLY B 57 14.73 -13.13 29.04
CA GLY B 57 15.64 -12.07 28.60
C GLY B 57 15.11 -11.27 27.45
N THR B 58 14.93 -9.97 27.62
CA THR B 58 14.39 -9.14 26.56
C THR B 58 15.34 -8.00 26.24
N ASP B 59 15.42 -7.64 24.96
CA ASP B 59 16.01 -6.37 24.54
C ASP B 59 15.05 -5.61 23.63
N TYR B 60 15.14 -4.27 23.65
CA TYR B 60 14.20 -3.42 22.94
C TYR B 60 14.94 -2.32 22.18
N ASN B 61 14.41 -1.97 21.02
CA ASN B 61 14.76 -0.73 20.33
C ASN B 61 14.53 0.46 21.25
N GLN B 62 15.53 1.36 21.30
CA GLN B 62 15.44 2.59 22.11
C GLN B 62 14.15 3.37 21.87
N LYS B 63 13.67 3.44 20.61
CA LYS B 63 12.41 4.14 20.26
C LYS B 63 11.25 3.71 21.15
N PHE B 64 11.25 2.45 21.56
CA PHE B 64 10.16 1.86 22.32
C PHE B 64 10.58 1.58 23.76
N LYS B 65 11.62 2.30 24.28
CA LYS B 65 11.81 2.24 25.73
C LYS B 65 10.51 2.61 26.43
N ASN B 66 10.10 1.70 27.26
CA ASN B 66 9.04 1.80 28.24
C ASN B 66 7.70 2.10 27.59
N ARG B 67 7.49 1.83 26.30
CA ARG B 67 6.14 1.52 25.86
C ARG B 67 5.89 0.05 25.56
N ALA B 68 6.91 -0.68 25.13
CA ALA B 68 6.77 -2.07 24.69
C ALA B 68 6.91 -3.05 25.85
N THR B 69 6.08 -4.09 25.86
CA THR B 69 6.23 -5.19 26.81
C THR B 69 6.17 -6.53 26.07
N LEU B 70 7.28 -7.26 26.05
CA LEU B 70 7.34 -8.55 25.37
C LEU B 70 7.21 -9.65 26.42
N THR B 71 6.22 -10.53 26.25
CA THR B 71 6.05 -11.65 27.16
C THR B 71 5.78 -12.94 26.40
N VAL B 72 5.80 -14.04 27.14
CA VAL B 72 5.45 -15.36 26.63
C VAL B 72 4.59 -16.06 27.66
N ASP B 73 3.57 -16.78 27.19
CA ASP B 73 2.96 -17.84 27.99
C ASP B 73 3.49 -19.15 27.41
N ASN B 74 4.46 -19.75 28.09
CA ASN B 74 5.04 -21.02 27.65
C ASN B 74 4.00 -22.13 27.58
N PRO B 75 3.19 -22.38 28.63
CA PRO B 75 2.22 -23.49 28.53
C PRO B 75 1.22 -23.38 27.39
N THR B 76 1.06 -22.21 26.75
CA THR B 76 0.21 -22.08 25.57
C THR B 76 0.99 -21.66 24.32
N ASN B 77 2.32 -21.76 24.34
CA ASN B 77 3.17 -21.54 23.15
C ASN B 77 2.87 -20.23 22.45
N THR B 78 2.56 -19.20 23.24
CA THR B 78 2.07 -17.93 22.73
C THR B 78 2.95 -16.77 23.17
N ALA B 79 3.43 -15.98 22.21
CA ALA B 79 4.10 -14.73 22.53
C ALA B 79 3.10 -13.56 22.52
N TYR B 80 3.42 -12.50 23.27
CA TYR B 80 2.55 -11.32 23.32
C TYR B 80 3.36 -10.05 23.15
N MET B 81 2.80 -9.07 22.45
CA MET B 81 3.43 -7.77 22.31
C MET B 81 2.45 -6.71 22.82
N GLU B 82 2.82 -6.03 23.89
CA GLU B 82 2.00 -4.97 24.48
C GLU B 82 2.66 -3.62 24.27
N LEU B 83 1.92 -2.68 23.67
CA LEU B 83 2.42 -1.36 23.35
C LEU B 83 1.51 -0.31 23.98
N SER B 84 2.06 0.49 24.89
CA SER B 84 1.31 1.47 25.68
C SER B 84 1.38 2.85 25.03
N SER B 85 0.45 3.72 25.47
CA SER B 85 0.37 5.13 25.09
C SER B 85 0.44 5.31 23.57
N LEU B 86 -0.44 4.58 22.87
CA LEU B 86 -0.46 4.54 21.41
C LEU B 86 -0.69 5.92 20.82
N ARG B 87 0.01 6.20 19.71
CA ARG B 87 -0.06 7.49 19.03
C ARG B 87 -0.28 7.26 17.54
N SER B 88 -0.65 8.33 16.84
CA SER B 88 -0.93 8.26 15.40
C SER B 88 0.16 7.48 14.69
N GLU B 89 1.41 7.81 14.97
CA GLU B 89 2.59 7.26 14.30
C GLU B 89 2.73 5.75 14.44
N ASP B 90 1.97 5.12 15.35
CA ASP B 90 2.03 3.69 15.63
C ASP B 90 1.10 2.85 14.77
N THR B 91 0.37 3.45 13.83
CA THR B 91 -0.48 2.66 12.96
C THR B 91 0.39 1.84 12.02
N ALA B 92 0.28 0.51 12.09
CA ALA B 92 1.22 -0.33 11.37
C ALA B 92 0.69 -1.75 11.36
N PHE B 93 1.18 -2.53 10.40
CA PHE B 93 1.15 -3.98 10.54
C PHE B 93 2.28 -4.44 11.46
N TYR B 94 1.95 -5.30 12.42
CA TYR B 94 2.88 -5.79 13.42
C TYR B 94 3.06 -7.29 13.28
N TYR B 95 4.32 -7.74 13.21
CA TYR B 95 4.61 -9.15 13.02
C TYR B 95 5.49 -9.64 14.16
N CYS B 96 5.13 -10.80 14.70
CA CYS B 96 6.09 -11.58 15.46
C CYS B 96 6.89 -12.43 14.48
N VAL B 97 8.16 -12.64 14.82
CA VAL B 97 9.07 -13.44 14.00
C VAL B 97 9.90 -14.34 14.92
N ASN B 98 10.01 -15.65 14.55
CA ASN B 98 10.94 -16.53 15.26
C ASN B 98 12.36 -16.26 14.76
N GLY B 99 13.33 -15.83 15.62
CA GLY B 99 14.65 -15.71 15.02
C GLY B 99 15.52 -16.95 15.09
N ASN B 100 16.14 -17.33 13.94
CA ASN B 100 16.89 -18.59 13.86
C ASN B 100 18.15 -18.67 14.70
N PRO B 101 19.21 -17.76 14.59
CA PRO B 101 19.06 -16.35 15.00
C PRO B 101 18.46 -15.43 13.93
N TRP B 102 18.35 -15.89 12.69
CA TRP B 102 17.84 -15.12 11.55
C TRP B 102 16.33 -14.98 11.64
N LEU B 103 15.78 -13.90 11.11
CA LEU B 103 14.33 -13.88 11.30
C LEU B 103 13.84 -14.69 10.11
N ALA B 104 13.58 -15.97 10.41
CA ALA B 104 13.27 -16.98 9.40
C ALA B 104 11.79 -17.28 9.25
N TYR B 105 11.02 -17.15 10.32
CA TYR B 105 9.60 -17.49 10.30
C TYR B 105 8.77 -16.30 10.76
N TRP B 106 7.87 -15.83 9.90
CA TRP B 106 7.07 -14.64 10.17
C TRP B 106 5.62 -15.01 10.42
N GLY B 107 4.97 -14.31 11.34
CA GLY B 107 3.53 -14.39 11.40
C GLY B 107 2.87 -13.67 10.22
N GLN B 108 1.54 -13.79 10.14
CA GLN B 108 0.83 -13.08 9.08
C GLN B 108 0.76 -11.57 9.34
N GLY B 109 0.97 -11.12 10.57
CA GLY B 109 0.87 -9.71 10.89
C GLY B 109 -0.51 -9.31 11.40
N THR B 110 -0.51 -8.22 12.17
CA THR B 110 -1.73 -7.73 12.82
C THR B 110 -1.79 -6.24 12.56
N LEU B 111 -2.79 -5.79 11.81
CA LEU B 111 -2.97 -4.36 11.60
C LEU B 111 -3.42 -3.69 12.90
N VAL B 112 -2.64 -2.73 13.39
CA VAL B 112 -3.08 -1.87 14.48
C VAL B 112 -3.34 -0.47 13.93
N THR B 113 -4.56 0.01 14.10
CA THR B 113 -4.99 1.34 13.68
C THR B 113 -5.18 2.24 14.89
N VAL B 114 -4.49 3.39 14.93
CA VAL B 114 -4.51 4.27 16.10
C VAL B 114 -4.93 5.67 15.67
N SER B 115 -6.14 6.08 16.08
CA SER B 115 -6.81 7.28 15.59
C SER B 115 -7.82 7.80 16.60
N SER B 116 -7.92 9.14 16.74
CA SER B 116 -8.96 9.74 17.58
C SER B 116 -10.34 9.54 16.97
N ALA B 117 -10.39 9.22 15.68
CA ALA B 117 -11.60 8.99 14.90
C ALA B 117 -12.36 7.78 15.43
N SER B 118 -13.63 7.67 15.04
CA SER B 118 -14.47 6.55 15.45
C SER B 118 -15.32 6.12 14.26
N THR B 119 -16.01 4.99 14.43
CA THR B 119 -16.65 4.29 13.32
C THR B 119 -17.62 5.20 12.54
N LYS B 120 -17.46 5.24 11.22
CA LYS B 120 -18.37 5.99 10.35
C LYS B 120 -18.52 5.24 9.03
N GLY B 121 -19.75 4.92 8.65
CA GLY B 121 -20.06 4.41 7.32
C GLY B 121 -19.70 5.36 6.18
N PRO B 122 -19.45 4.81 4.98
CA PRO B 122 -19.17 5.69 3.84
C PRO B 122 -20.40 6.31 3.22
N SER B 123 -20.20 7.47 2.61
CA SER B 123 -21.09 7.98 1.56
C SER B 123 -20.57 7.53 0.21
N VAL B 124 -21.43 6.92 -0.60
CA VAL B 124 -21.08 6.51 -1.96
C VAL B 124 -21.73 7.42 -2.98
N PHE B 125 -20.92 8.10 -3.77
CA PHE B 125 -21.31 9.03 -4.80
C PHE B 125 -20.90 8.50 -6.16
N PRO B 126 -21.73 8.65 -7.18
CA PRO B 126 -21.35 8.15 -8.51
C PRO B 126 -20.26 9.00 -9.15
N LEU B 127 -19.39 8.34 -9.92
CA LEU B 127 -18.56 9.03 -10.91
C LEU B 127 -19.21 8.72 -12.25
N ALA B 128 -19.97 9.69 -12.80
CA ALA B 128 -20.66 9.45 -14.07
C ALA B 128 -19.77 9.78 -15.26
N PRO B 129 -19.80 8.96 -16.31
CA PRO B 129 -19.09 9.30 -17.54
C PRO B 129 -19.70 10.51 -18.24
N SER B 130 -18.90 11.04 -19.16
CA SER B 130 -19.22 12.30 -19.82
C SER B 130 -19.93 12.11 -21.15
N SER B 131 -19.21 12.39 -22.25
CA SER B 131 -19.67 12.34 -23.64
C SER B 131 -20.98 11.59 -23.84
N GLY B 136 -17.44 8.26 -26.98
CA GLY B 136 -16.18 8.22 -27.71
C GLY B 136 -15.54 6.85 -27.78
N GLY B 137 -16.32 5.82 -27.43
CA GLY B 137 -16.01 4.42 -27.63
C GLY B 137 -15.50 3.63 -26.43
N THR B 138 -14.81 4.26 -25.48
CA THR B 138 -14.67 3.69 -24.15
C THR B 138 -15.32 4.59 -23.11
N ALA B 139 -15.98 4.00 -22.13
CA ALA B 139 -16.66 4.74 -21.09
C ALA B 139 -16.02 4.42 -19.74
N ALA B 140 -15.69 5.47 -18.98
CA ALA B 140 -15.19 5.33 -17.63
C ALA B 140 -16.26 5.76 -16.64
N LEU B 141 -16.56 4.88 -15.68
CA LEU B 141 -17.52 5.21 -14.64
C LEU B 141 -17.03 4.58 -13.36
N GLY B 142 -17.51 5.07 -12.23
CA GLY B 142 -17.13 4.48 -10.97
C GLY B 142 -17.92 5.01 -9.80
N CYS B 143 -17.38 4.76 -8.60
CA CYS B 143 -18.01 5.13 -7.35
C CYS B 143 -16.98 5.75 -6.44
N LEU B 144 -17.33 6.89 -5.83
CA LEU B 144 -16.51 7.49 -4.81
C LEU B 144 -17.07 7.06 -3.45
N VAL B 145 -16.32 6.18 -2.77
CA VAL B 145 -16.63 5.67 -1.44
C VAL B 145 -15.87 6.53 -0.43
N LYS B 146 -16.58 7.45 0.25
CA LYS B 146 -15.99 8.60 0.92
C LYS B 146 -16.38 8.68 2.40
N ASP B 147 -15.43 9.20 3.20
CA ASP B 147 -15.66 9.55 4.61
C ASP B 147 -16.08 8.38 5.49
N TYR B 148 -15.35 7.27 5.38
CA TYR B 148 -15.61 6.13 6.25
C TYR B 148 -14.41 5.81 7.12
N PHE B 149 -14.68 5.05 8.18
CA PHE B 149 -13.67 4.68 9.16
C PHE B 149 -14.11 3.41 9.88
N PRO B 150 -13.19 2.50 10.21
CA PRO B 150 -11.81 2.36 9.75
C PRO B 150 -11.77 1.55 8.47
N GLU B 151 -10.59 1.26 7.92
CA GLU B 151 -10.51 0.34 6.80
C GLU B 151 -11.00 -1.03 7.24
N PRO B 152 -11.34 -1.92 6.32
CA PRO B 152 -11.48 -1.74 4.86
C PRO B 152 -12.91 -1.48 4.44
N VAL B 153 -13.10 -1.20 3.16
CA VAL B 153 -14.36 -1.42 2.46
C VAL B 153 -14.07 -2.36 1.31
N THR B 154 -15.01 -3.26 1.04
CA THR B 154 -14.96 -3.97 -0.22
C THR B 154 -15.80 -3.26 -1.27
N VAL B 155 -15.41 -3.44 -2.53
CA VAL B 155 -16.13 -2.87 -3.66
C VAL B 155 -16.15 -3.89 -4.79
N SER B 156 -17.35 -4.19 -5.31
CA SER B 156 -17.53 -5.06 -6.46
C SER B 156 -18.43 -4.35 -7.47
N TRP B 157 -18.55 -4.93 -8.66
CA TRP B 157 -19.39 -4.38 -9.71
C TRP B 157 -20.31 -5.45 -10.25
N ASN B 158 -21.61 -5.13 -10.34
CA ASN B 158 -22.63 -6.06 -10.83
C ASN B 158 -22.52 -7.41 -10.13
N SER B 159 -22.31 -7.37 -8.80
CA SER B 159 -22.30 -8.57 -7.95
C SER B 159 -21.17 -9.52 -8.33
N GLY B 160 -20.11 -8.98 -8.91
CA GLY B 160 -18.94 -9.75 -9.31
C GLY B 160 -19.03 -10.31 -10.71
N ALA B 161 -20.10 -10.01 -11.45
CA ALA B 161 -20.15 -10.37 -12.86
C ALA B 161 -19.10 -9.58 -13.64
N LEU B 162 -19.12 -8.26 -13.53
CA LEU B 162 -18.13 -7.44 -14.21
C LEU B 162 -16.89 -7.36 -13.32
N THR B 163 -15.85 -8.15 -13.63
CA THR B 163 -14.56 -7.91 -13.01
C THR B 163 -13.50 -7.35 -13.94
N SER B 164 -13.63 -7.55 -15.25
CA SER B 164 -12.62 -7.06 -16.17
C SER B 164 -12.64 -5.53 -16.24
N GLY B 165 -11.45 -4.93 -16.29
CA GLY B 165 -11.31 -3.49 -16.41
C GLY B 165 -11.57 -2.68 -15.15
N VAL B 166 -11.80 -3.33 -14.01
CA VAL B 166 -12.06 -2.62 -12.78
C VAL B 166 -10.73 -2.26 -12.13
N HIS B 167 -10.60 -1.01 -11.69
CA HIS B 167 -9.55 -0.61 -10.76
C HIS B 167 -10.18 -0.05 -9.47
N THR B 168 -10.12 -0.81 -8.38
CA THR B 168 -10.37 -0.28 -7.04
C THR B 168 -9.07 0.22 -6.42
N PHE B 169 -9.06 1.46 -6.00
CA PHE B 169 -7.82 2.09 -5.59
C PHE B 169 -7.59 1.98 -4.08
N PRO B 170 -6.34 2.08 -3.61
CA PRO B 170 -6.13 2.12 -2.16
C PRO B 170 -6.67 3.42 -1.59
N ALA B 171 -7.36 3.31 -0.46
CA ALA B 171 -7.95 4.47 0.17
C ALA B 171 -6.86 5.48 0.51
N VAL B 172 -7.26 6.74 0.59
CA VAL B 172 -6.42 7.77 1.18
C VAL B 172 -7.03 8.17 2.51
N LEU B 173 -6.16 8.51 3.45
CA LEU B 173 -6.57 9.02 4.74
C LEU B 173 -6.70 10.54 4.65
N GLN B 174 -7.92 11.06 4.77
CA GLN B 174 -8.15 12.49 4.60
C GLN B 174 -7.68 13.27 5.83
N SER B 175 -7.52 14.60 5.64
CA SER B 175 -7.13 15.48 6.74
C SER B 175 -8.15 15.43 7.87
N SER B 176 -9.40 15.14 7.53
CA SER B 176 -10.47 14.91 8.51
C SER B 176 -10.19 13.68 9.38
N GLY B 177 -9.36 12.76 8.90
CA GLY B 177 -9.15 11.49 9.56
C GLY B 177 -10.15 10.43 9.20
N LEU B 178 -10.87 10.59 8.11
CA LEU B 178 -11.66 9.51 7.55
C LEU B 178 -10.98 9.07 6.26
N TYR B 179 -11.35 7.89 5.80
CA TYR B 179 -10.79 7.38 4.57
C TYR B 179 -11.73 7.66 3.41
N SER B 180 -11.18 7.64 2.19
CA SER B 180 -11.99 7.73 0.98
C SER B 180 -11.24 7.06 -0.16
N LEU B 181 -11.93 6.19 -0.93
CA LEU B 181 -11.34 5.60 -2.12
C LEU B 181 -12.31 5.62 -3.30
N SER B 182 -11.74 5.66 -4.50
CA SER B 182 -12.50 5.48 -5.73
C SER B 182 -12.36 4.05 -6.24
N SER B 183 -13.44 3.52 -6.83
CA SER B 183 -13.41 2.33 -7.67
C SER B 183 -13.94 2.67 -9.06
N VAL B 184 -13.12 2.46 -10.10
CA VAL B 184 -13.58 2.78 -11.46
C VAL B 184 -13.53 1.54 -12.35
N VAL B 185 -14.29 1.59 -13.46
CA VAL B 185 -14.25 0.53 -14.46
C VAL B 185 -14.38 1.14 -15.84
N THR B 186 -13.65 0.61 -16.82
CA THR B 186 -13.84 1.01 -18.21
C THR B 186 -14.76 0.02 -18.92
N VAL B 187 -15.68 0.54 -19.72
CA VAL B 187 -16.62 -0.31 -20.46
C VAL B 187 -16.82 0.30 -21.85
N PRO B 188 -17.27 -0.52 -22.80
CA PRO B 188 -17.62 0.05 -24.12
C PRO B 188 -18.67 1.12 -23.95
N SER B 189 -18.46 2.24 -24.66
CA SER B 189 -19.53 3.23 -24.83
C SER B 189 -20.82 2.56 -25.27
N SER B 190 -20.73 1.58 -26.18
CA SER B 190 -21.84 0.96 -26.94
C SER B 190 -22.73 0.13 -26.04
N SER B 191 -22.38 0.02 -24.75
CA SER B 191 -23.07 -0.81 -23.79
C SER B 191 -23.89 0.01 -22.80
N LEU B 192 -23.61 1.31 -22.64
CA LEU B 192 -24.26 2.09 -21.58
C LEU B 192 -25.76 2.26 -21.79
N GLY B 193 -26.30 1.88 -22.95
CA GLY B 193 -27.75 1.88 -23.16
C GLY B 193 -28.37 0.50 -23.14
N THR B 194 -27.53 -0.54 -23.13
CA THR B 194 -28.02 -1.91 -23.03
C THR B 194 -27.58 -2.67 -21.76
N GLN B 195 -26.81 -2.07 -20.86
CA GLN B 195 -26.30 -2.82 -19.72
C GLN B 195 -26.08 -1.91 -18.52
N THR B 196 -26.56 -2.34 -17.35
CA THR B 196 -26.55 -1.53 -16.13
C THR B 196 -25.31 -1.80 -15.27
N TYR B 197 -24.78 -0.72 -14.67
CA TYR B 197 -23.57 -0.75 -13.86
C TYR B 197 -23.87 -0.31 -12.43
N ILE B 198 -23.88 -1.28 -11.50
CA ILE B 198 -24.02 -1.04 -10.07
C ILE B 198 -22.72 -1.42 -9.35
N CYS B 199 -22.16 -0.47 -8.60
CA CYS B 199 -21.10 -0.78 -7.65
C CYS B 199 -21.72 -1.23 -6.33
N ASN B 200 -21.18 -2.31 -5.76
CA ASN B 200 -21.63 -2.83 -4.47
C ASN B 200 -20.55 -2.56 -3.43
N VAL B 201 -20.83 -1.64 -2.52
CA VAL B 201 -19.86 -1.19 -1.54
C VAL B 201 -20.27 -1.72 -0.18
N ASN B 202 -19.33 -2.36 0.51
CA ASN B 202 -19.56 -2.90 1.83
C ASN B 202 -18.55 -2.31 2.80
N HIS B 203 -19.03 -1.94 3.99
CA HIS B 203 -18.15 -1.62 5.09
C HIS B 203 -18.71 -2.41 6.26
N LYS B 204 -17.96 -3.41 6.72
CA LYS B 204 -18.38 -4.26 7.83
C LYS B 204 -18.33 -3.52 9.16
N PRO B 205 -17.26 -2.78 9.46
CA PRO B 205 -17.17 -2.13 10.77
C PRO B 205 -18.34 -1.23 11.12
N SER B 206 -19.14 -0.79 10.14
CA SER B 206 -20.38 -0.08 10.42
C SER B 206 -21.64 -0.80 9.92
N ASN B 207 -21.51 -2.04 9.44
CA ASN B 207 -22.58 -2.77 8.76
C ASN B 207 -23.26 -1.89 7.71
N THR B 208 -22.43 -1.25 6.87
CA THR B 208 -22.91 -0.48 5.72
C THR B 208 -22.78 -1.31 4.45
N LYS B 209 -23.92 -1.72 3.88
CA LYS B 209 -23.98 -2.23 2.52
C LYS B 209 -24.78 -1.25 1.67
N VAL B 210 -24.24 -0.89 0.51
CA VAL B 210 -24.92 -0.01 -0.42
C VAL B 210 -24.67 -0.50 -1.83
N ASP B 211 -25.69 -0.38 -2.68
CA ASP B 211 -25.60 -0.60 -4.11
C ASP B 211 -25.92 0.72 -4.78
N LYS B 212 -25.05 1.20 -5.68
CA LYS B 212 -25.27 2.48 -6.33
C LYS B 212 -25.13 2.27 -7.84
N LYS B 213 -26.24 2.46 -8.57
CA LYS B 213 -26.22 2.38 -10.02
C LYS B 213 -25.51 3.61 -10.57
N VAL B 214 -24.81 3.45 -11.69
CA VAL B 214 -24.01 4.56 -12.23
C VAL B 214 -24.30 4.66 -13.73
N GLU B 215 -24.81 5.81 -14.14
CA GLU B 215 -25.18 6.09 -15.51
C GLU B 215 -24.69 7.49 -15.86
N PRO B 216 -24.31 7.72 -17.11
CA PRO B 216 -23.97 9.08 -17.53
C PRO B 216 -25.08 10.07 -17.20
N LYS B 217 -24.72 11.35 -17.01
CA LYS B 217 -25.66 12.41 -16.71
C LYS B 217 -25.98 13.24 -17.94
N SER B 218 -27.14 13.87 -17.87
CA SER B 218 -27.96 14.56 -18.87
C SER B 218 -28.32 15.93 -18.32
N CYS B 219 -28.95 16.73 -19.18
CA CYS B 219 -28.96 18.20 -19.23
C CYS B 219 -27.63 18.85 -19.53
N ASP B 220 -26.72 18.11 -20.18
CA ASP B 220 -25.91 18.64 -21.29
C ASP B 220 -25.03 19.90 -21.02
#